data_6UAV
#
_entry.id   6UAV
#
_cell.length_a   87.663
_cell.length_b   33.648
_cell.length_c   84.259
_cell.angle_alpha   90.00
_cell.angle_beta   113.06
_cell.angle_gamma   90.00
#
_symmetry.space_group_name_H-M   'C 1 2 1'
#
loop_
_entity.id
_entity.type
_entity.pdbx_description
1 polymer 'Glyco_hydro_cc domain-containing protein'
2 non-polymer 'SULFATE ION'
3 non-polymer GLYCEROL
4 water water
#
_entity_poly.entity_id   1
_entity_poly.type   'polypeptide(L)'
_entity_poly.pdbx_seq_one_letter_code
;TKSVKRGVAYDVASPADLSALSTGMSWWYNWSPKPHDRLAAYDYAGQYNVDFVPMVWNANLDDGQLKLYLLAHPGIRYLL
VINEPNLVDQANMTPQAAAQLWPRLEQISAQTGVKLVGPAMNWGTMTGYGDPVAWLDAFYAAYASAHQGRDPQIDYLAFH
WYDYGLSSMLDRLSRYGKPFWVTEFANWHTLDDGLQIDSLEKQKQQMAEMVTMLERRSDVFRYAWFTGRMTPDPHFSSLL
DAEGRLTELGQYYLSLPYS
;
_entity_poly.pdbx_strand_id   A
#
# COMPACT_ATOMS: atom_id res chain seq x y z
N THR A 1 11.79 16.48 10.40
CA THR A 1 10.57 16.78 9.58
C THR A 1 10.66 16.04 8.24
N LYS A 2 9.56 15.49 7.79
CA LYS A 2 9.60 14.60 6.62
C LYS A 2 8.19 14.50 6.05
N SER A 3 8.06 13.84 4.91
CA SER A 3 6.74 13.76 4.23
C SER A 3 5.79 12.88 5.03
N VAL A 4 4.57 13.29 5.32
CA VAL A 4 3.56 12.35 5.91
C VAL A 4 3.25 11.25 4.89
N LYS A 5 3.48 11.47 3.58
CA LYS A 5 3.06 10.45 2.56
C LYS A 5 4.03 9.27 2.53
N ARG A 6 5.29 9.49 2.91
CA ARG A 6 6.39 8.61 2.47
C ARG A 6 6.46 7.33 3.30
N GLY A 7 6.26 6.17 2.69
CA GLY A 7 6.29 4.89 3.40
C GLY A 7 7.10 3.86 2.68
N VAL A 8 7.14 2.69 3.30
CA VAL A 8 7.81 1.50 2.72
C VAL A 8 6.86 0.32 2.90
N ALA A 9 6.82 -0.54 1.88
CA ALA A 9 6.07 -1.81 1.89
C ALA A 9 7.05 -2.93 2.19
N TYR A 10 7.22 -3.27 3.46
CA TYR A 10 8.31 -4.16 3.91
C TYR A 10 8.03 -4.58 5.33
N ASP A 11 8.29 -5.83 5.68
CA ASP A 11 8.12 -6.29 7.08
C ASP A 11 9.37 -5.86 7.87
N VAL A 12 9.40 -4.58 8.27
CA VAL A 12 10.54 -4.06 9.05
C VAL A 12 10.62 -4.87 10.36
N ALA A 13 11.77 -5.47 10.63
CA ALA A 13 11.98 -6.36 11.81
C ALA A 13 12.98 -5.73 12.80
N SER A 14 13.89 -4.94 12.29
CA SER A 14 15.06 -4.49 13.05
C SER A 14 14.88 -3.05 13.44
N PRO A 15 15.03 -2.71 14.74
CA PRO A 15 15.11 -1.30 15.15
C PRO A 15 16.22 -0.57 14.39
N ALA A 16 17.33 -1.24 14.08
CA ALA A 16 18.42 -0.59 13.30
C ALA A 16 17.89 -0.13 11.93
N ASP A 17 17.07 -0.95 11.29
CA ASP A 17 16.45 -0.56 10.00
C ASP A 17 15.54 0.65 10.20
N LEU A 18 14.80 0.73 11.30
CA LEU A 18 14.04 1.98 11.60
C LEU A 18 14.95 3.19 11.79
N SER A 19 16.11 3.09 12.44
CA SER A 19 17.04 4.24 12.59
C SER A 19 17.35 4.76 11.18
N ALA A 20 17.67 3.84 10.26
CA ALA A 20 18.13 4.18 8.89
C ALA A 20 16.96 4.86 8.13
N LEU A 21 15.76 4.27 8.22
CA LEU A 21 14.59 4.70 7.42
C LEU A 21 13.98 5.97 7.99
N SER A 22 14.08 6.22 9.28
CA SER A 22 13.11 7.14 9.92
C SER A 22 13.46 8.59 9.66
N THR A 23 14.62 8.89 9.09
CA THR A 23 14.96 10.28 8.69
C THR A 23 14.02 10.80 7.60
N GLY A 24 13.55 9.94 6.72
CA GLY A 24 12.64 10.35 5.62
C GLY A 24 11.32 9.58 5.55
N MET A 25 11.14 8.47 6.26
CA MET A 25 9.99 7.57 6.13
C MET A 25 9.03 7.85 7.28
N SER A 26 7.74 8.09 7.00
CA SER A 26 6.69 8.31 8.03
C SER A 26 6.00 7.01 8.40
N TRP A 27 5.93 6.00 7.52
CA TRP A 27 5.10 4.83 7.87
C TRP A 27 5.54 3.59 7.12
N TRP A 28 5.08 2.47 7.60
CA TRP A 28 5.27 1.21 6.85
C TRP A 28 4.10 0.28 7.10
N TYR A 29 4.08 -0.82 6.34
CA TYR A 29 3.09 -1.86 6.60
C TYR A 29 3.72 -3.14 6.12
N ASN A 30 3.15 -4.26 6.49
CA ASN A 30 3.77 -5.58 6.25
C ASN A 30 2.73 -6.59 5.77
N TRP A 31 1.67 -6.13 5.13
CA TRP A 31 0.62 -7.00 4.57
C TRP A 31 -0.09 -7.82 5.67
N SER A 32 0.02 -7.44 6.94
CA SER A 32 -0.49 -8.28 8.04
C SER A 32 -1.08 -7.41 9.10
N PRO A 33 -1.88 -7.99 10.03
CA PRO A 33 -2.54 -7.12 11.00
C PRO A 33 -1.67 -6.52 12.12
N LYS A 34 -0.44 -7.00 12.29
CA LYS A 34 0.48 -6.50 13.37
C LYS A 34 1.89 -6.42 12.85
N PRO A 35 2.72 -5.55 13.46
CA PRO A 35 4.11 -5.49 13.09
C PRO A 35 4.85 -6.78 13.42
N HIS A 36 6.04 -6.90 12.86
CA HIS A 36 6.94 -8.03 13.15
C HIS A 36 7.13 -8.18 14.66
N ASP A 37 7.18 -9.40 15.15
CA ASP A 37 7.21 -9.67 16.61
C ASP A 37 8.46 -9.07 17.25
N ARG A 38 9.53 -8.89 16.49
CA ARG A 38 10.80 -8.31 17.03
C ARG A 38 10.52 -6.89 17.55
N LEU A 39 9.49 -6.21 17.04
CA LEU A 39 9.28 -4.77 17.44
C LEU A 39 8.31 -4.64 18.59
N ALA A 40 7.80 -5.74 19.17
CA ALA A 40 6.68 -5.69 20.14
C ALA A 40 7.01 -4.83 21.36
N ALA A 41 8.24 -4.86 21.85
CA ALA A 41 8.64 -4.16 23.10
C ALA A 41 9.52 -2.93 22.78
N TYR A 42 9.22 -2.30 21.65
CA TYR A 42 9.91 -1.04 21.25
C TYR A 42 8.86 0.05 20.97
N ASP A 43 9.06 1.20 21.56
CA ASP A 43 8.19 2.36 21.25
C ASP A 43 8.67 3.01 19.95
N TYR A 44 8.37 2.40 18.84
CA TYR A 44 8.84 2.85 17.52
C TYR A 44 8.22 4.21 17.21
N ALA A 45 6.97 4.45 17.56
CA ALA A 45 6.29 5.70 17.19
C ALA A 45 6.94 6.84 17.93
N GLY A 46 7.18 6.68 19.22
CA GLY A 46 7.78 7.73 20.05
C GLY A 46 9.23 7.98 19.71
N GLN A 47 10.03 6.98 19.43
CA GLN A 47 11.50 7.16 19.25
C GLN A 47 11.84 7.53 17.80
N TYR A 48 11.23 6.89 16.80
CA TYR A 48 11.60 7.05 15.37
C TYR A 48 10.56 7.94 14.65
N ASN A 49 9.45 8.29 15.30
CA ASN A 49 8.38 9.07 14.62
C ASN A 49 7.97 8.34 13.34
N VAL A 50 7.71 7.05 13.44
CA VAL A 50 7.13 6.22 12.34
C VAL A 50 5.86 5.58 12.86
N ASP A 51 4.90 5.37 11.96
CA ASP A 51 3.68 4.60 12.33
C ASP A 51 3.58 3.36 11.48
N PHE A 52 3.02 2.30 12.06
CA PHE A 52 2.69 1.03 11.33
C PHE A 52 1.20 1.05 11.00
N VAL A 53 0.83 0.60 9.82
CA VAL A 53 -0.60 0.55 9.37
C VAL A 53 -0.95 -0.90 9.15
N PRO A 54 -1.89 -1.44 9.94
CA PRO A 54 -2.24 -2.84 9.81
C PRO A 54 -2.97 -3.12 8.50
N MET A 55 -3.01 -4.41 8.10
CA MET A 55 -3.69 -4.80 6.87
C MET A 55 -4.41 -6.14 7.06
N VAL A 56 -5.64 -6.15 6.55
CA VAL A 56 -6.44 -7.39 6.36
C VAL A 56 -6.16 -7.84 4.96
N TRP A 57 -5.48 -8.95 4.82
CA TRP A 57 -4.99 -9.37 3.49
C TRP A 57 -6.12 -9.93 2.65
N ASN A 58 -6.95 -10.81 3.22
CA ASN A 58 -8.07 -11.44 2.50
C ASN A 58 -9.16 -11.73 3.52
N ALA A 59 -10.13 -12.61 3.23
CA ALA A 59 -11.26 -12.86 4.16
C ALA A 59 -10.81 -13.75 5.34
N ASN A 60 -9.58 -14.23 5.37
CA ASN A 60 -9.07 -15.04 6.51
C ASN A 60 -8.64 -14.04 7.60
N LEU A 61 -9.59 -13.67 8.42
CA LEU A 61 -9.51 -12.49 9.32
C LEU A 61 -9.99 -12.95 10.69
N ASP A 62 -9.17 -12.68 11.70
CA ASP A 62 -9.53 -12.90 13.12
C ASP A 62 -10.07 -11.56 13.64
N ASP A 63 -11.37 -11.32 13.45
CA ASP A 63 -12.00 -9.97 13.61
C ASP A 63 -11.74 -9.53 15.06
N GLY A 64 -11.96 -10.43 16.01
CA GLY A 64 -11.81 -10.11 17.44
C GLY A 64 -10.41 -9.65 17.76
N GLN A 65 -9.39 -10.37 17.32
CA GLN A 65 -7.97 -10.07 17.58
C GLN A 65 -7.59 -8.72 16.96
N LEU A 66 -8.09 -8.47 15.73
CA LEU A 66 -7.81 -7.16 15.11
C LEU A 66 -8.49 -6.04 15.87
N LYS A 67 -9.75 -6.23 16.25
CA LYS A 67 -10.47 -5.16 16.99
C LYS A 67 -9.75 -4.84 18.28
N LEU A 68 -9.34 -5.88 18.98
CA LEU A 68 -8.68 -5.75 20.30
C LEU A 68 -7.42 -4.90 20.08
N TYR A 69 -6.62 -5.22 19.06
CA TYR A 69 -5.38 -4.48 18.74
C TYR A 69 -5.70 -3.02 18.38
N LEU A 70 -6.64 -2.79 17.46
CA LEU A 70 -6.92 -1.41 17.04
C LEU A 70 -7.42 -0.60 18.23
N LEU A 71 -8.31 -1.13 19.05
CA LEU A 71 -8.90 -0.30 20.12
C LEU A 71 -7.82 0.11 21.12
N ALA A 72 -6.81 -0.73 21.32
CA ALA A 72 -5.74 -0.41 22.31
C ALA A 72 -4.60 0.41 21.67
N HIS A 73 -4.71 0.76 20.39
CA HIS A 73 -3.71 1.57 19.64
C HIS A 73 -4.50 2.65 18.91
N PRO A 74 -5.09 3.60 19.67
CA PRO A 74 -5.99 4.61 19.08
C PRO A 74 -5.28 5.59 18.16
N GLY A 75 -3.94 5.62 18.20
CA GLY A 75 -3.14 6.36 17.20
C GLY A 75 -3.30 5.82 15.80
N ILE A 76 -3.74 4.57 15.65
CA ILE A 76 -3.96 3.93 14.33
C ILE A 76 -5.31 4.40 13.80
N ARG A 77 -5.28 5.10 12.67
CA ARG A 77 -6.49 5.74 12.11
C ARG A 77 -6.91 5.15 10.79
N TYR A 78 -6.15 4.21 10.24
CA TYR A 78 -6.33 3.62 8.88
C TYR A 78 -6.13 2.13 8.97
N LEU A 79 -6.90 1.41 8.18
CA LEU A 79 -6.79 -0.05 8.03
C LEU A 79 -6.72 -0.35 6.54
N LEU A 80 -5.63 -0.96 6.10
CA LEU A 80 -5.49 -1.38 4.72
C LEU A 80 -6.28 -2.68 4.57
N VAL A 81 -7.02 -2.79 3.47
CA VAL A 81 -7.83 -4.02 3.27
C VAL A 81 -7.68 -4.55 1.86
N ILE A 82 -7.63 -5.87 1.78
CA ILE A 82 -7.72 -6.69 0.55
C ILE A 82 -6.56 -6.44 -0.42
N ASN A 83 -5.57 -7.32 -0.35
CA ASN A 83 -4.33 -7.17 -1.19
C ASN A 83 -4.50 -7.77 -2.58
N GLU A 84 -4.79 -6.97 -3.59
CA GLU A 84 -4.87 -7.42 -4.99
C GLU A 84 -5.88 -8.54 -5.15
N PRO A 85 -7.19 -8.24 -4.96
CA PRO A 85 -8.20 -9.26 -5.11
C PRO A 85 -8.28 -9.88 -6.49
N ASN A 86 -7.94 -9.10 -7.52
CA ASN A 86 -8.02 -9.57 -8.91
C ASN A 86 -6.74 -10.30 -9.32
N LEU A 87 -5.84 -10.61 -8.40
CA LEU A 87 -4.65 -11.42 -8.76
C LEU A 87 -4.88 -12.78 -8.10
N VAL A 88 -4.78 -13.84 -8.87
CA VAL A 88 -5.06 -15.20 -8.31
C VAL A 88 -3.97 -15.58 -7.31
N ASP A 89 -2.74 -15.08 -7.45
CA ASP A 89 -1.65 -15.44 -6.53
C ASP A 89 -1.65 -14.53 -5.30
N GLN A 90 -2.56 -13.56 -5.22
CA GLN A 90 -2.64 -12.65 -4.05
C GLN A 90 -4.00 -12.92 -3.35
N ALA A 91 -4.74 -11.88 -2.95
CA ALA A 91 -5.98 -12.07 -2.18
C ALA A 91 -6.95 -12.99 -2.96
N ASN A 92 -6.99 -12.91 -4.30
CA ASN A 92 -7.77 -13.86 -5.10
C ASN A 92 -9.21 -13.85 -4.59
N MET A 93 -9.86 -12.68 -4.59
CA MET A 93 -11.27 -12.58 -4.11
C MET A 93 -12.11 -12.11 -5.29
N THR A 94 -13.16 -12.83 -5.61
CA THR A 94 -14.13 -12.36 -6.60
C THR A 94 -14.82 -11.11 -6.08
N PRO A 95 -15.45 -10.31 -6.97
CA PRO A 95 -16.26 -9.17 -6.49
C PRO A 95 -17.29 -9.58 -5.43
N GLN A 96 -17.96 -10.70 -5.62
CA GLN A 96 -18.95 -11.15 -4.62
C GLN A 96 -18.23 -11.49 -3.30
N ALA A 97 -17.10 -12.18 -3.37
CA ALA A 97 -16.42 -12.60 -2.13
C ALA A 97 -16.03 -11.35 -1.37
N ALA A 98 -15.59 -10.29 -2.06
CA ALA A 98 -15.18 -9.07 -1.36
C ALA A 98 -16.42 -8.38 -0.80
N ALA A 99 -17.51 -8.32 -1.57
CA ALA A 99 -18.78 -7.77 -1.07
C ALA A 99 -19.20 -8.53 0.21
N GLN A 100 -19.08 -9.86 0.23
CA GLN A 100 -19.48 -10.66 1.41
C GLN A 100 -18.64 -10.27 2.64
N LEU A 101 -17.34 -10.06 2.49
CA LEU A 101 -16.43 -9.65 3.60
C LEU A 101 -16.79 -8.24 4.07
N TRP A 102 -17.20 -7.37 3.17
CA TRP A 102 -17.10 -5.91 3.41
C TRP A 102 -17.81 -5.50 4.69
N PRO A 103 -19.03 -5.99 4.99
CA PRO A 103 -19.73 -5.54 6.22
C PRO A 103 -18.89 -5.78 7.50
N ARG A 104 -18.15 -6.87 7.55
CA ARG A 104 -17.18 -7.16 8.67
C ARG A 104 -16.15 -6.03 8.81
N LEU A 105 -15.63 -5.52 7.68
CA LEU A 105 -14.68 -4.38 7.66
C LEU A 105 -15.39 -3.12 8.07
N GLU A 106 -16.61 -2.88 7.56
CA GLU A 106 -17.37 -1.69 7.96
C GLU A 106 -17.63 -1.75 9.47
N GLN A 107 -17.95 -2.92 9.99
CA GLN A 107 -18.19 -3.09 11.43
C GLN A 107 -16.90 -2.70 12.17
N ILE A 108 -15.77 -3.20 11.72
CA ILE A 108 -14.45 -2.89 12.39
C ILE A 108 -14.23 -1.36 12.32
N SER A 109 -14.55 -0.74 11.20
CA SER A 109 -14.47 0.74 11.07
C SER A 109 -15.37 1.43 12.08
N ALA A 110 -16.64 1.02 12.23
CA ALA A 110 -17.57 1.66 13.18
C ALA A 110 -17.10 1.47 14.63
N GLN A 111 -16.57 0.28 14.94
CA GLN A 111 -16.24 -0.11 16.32
C GLN A 111 -14.90 0.50 16.76
N THR A 112 -14.05 0.90 15.84
CA THR A 112 -12.67 1.35 16.16
C THR A 112 -12.37 2.76 15.64
N GLY A 113 -13.13 3.23 14.65
CA GLY A 113 -12.92 4.57 14.05
C GLY A 113 -11.95 4.55 12.88
N VAL A 114 -11.36 3.42 12.51
CA VAL A 114 -10.34 3.43 11.42
C VAL A 114 -11.03 3.68 10.09
N LYS A 115 -10.34 4.35 9.16
CA LYS A 115 -10.85 4.56 7.77
C LYS A 115 -10.41 3.33 7.00
N LEU A 116 -11.20 2.92 6.03
CA LEU A 116 -10.88 1.74 5.24
C LEU A 116 -10.12 2.21 4.00
N VAL A 117 -8.93 1.63 3.79
CA VAL A 117 -8.04 1.93 2.65
C VAL A 117 -7.95 0.67 1.79
N GLY A 118 -8.64 0.65 0.68
CA GLY A 118 -8.59 -0.54 -0.19
C GLY A 118 -9.93 -0.68 -0.91
N PRO A 119 -10.17 -1.76 -1.66
CA PRO A 119 -9.18 -2.78 -1.93
C PRO A 119 -7.95 -2.21 -2.66
N ALA A 120 -6.85 -2.93 -2.55
CA ALA A 120 -5.57 -2.59 -3.23
C ALA A 120 -5.57 -3.25 -4.59
N MET A 121 -5.72 -2.43 -5.62
CA MET A 121 -5.87 -2.89 -7.00
C MET A 121 -4.52 -2.87 -7.74
N ASN A 122 -4.50 -3.68 -8.79
CA ASN A 122 -3.41 -3.73 -9.80
C ASN A 122 -4.04 -4.25 -11.10
N TRP A 123 -3.25 -4.40 -12.16
CA TRP A 123 -3.70 -5.12 -13.36
C TRP A 123 -3.62 -6.58 -13.04
N GLY A 124 -4.69 -7.33 -13.32
CA GLY A 124 -4.92 -8.62 -12.68
C GLY A 124 -4.86 -9.79 -13.63
N THR A 125 -5.08 -10.94 -13.00
CA THR A 125 -5.04 -12.29 -13.64
C THR A 125 -6.35 -13.02 -13.43
N MET A 126 -7.19 -12.60 -12.50
CA MET A 126 -8.49 -13.28 -12.26
C MET A 126 -9.32 -13.21 -13.55
N THR A 127 -9.84 -14.35 -14.01
CA THR A 127 -10.67 -14.42 -15.21
C THR A 127 -11.70 -13.29 -15.26
N GLY A 128 -11.71 -12.54 -16.37
CA GLY A 128 -12.65 -11.42 -16.58
C GLY A 128 -12.29 -10.16 -15.82
N TYR A 129 -11.32 -10.21 -14.87
CA TYR A 129 -11.13 -9.05 -13.97
C TYR A 129 -9.66 -8.60 -13.98
N GLY A 130 -8.99 -8.72 -15.13
CA GLY A 130 -7.66 -8.09 -15.29
C GLY A 130 -7.74 -6.59 -15.03
N ASP A 131 -8.79 -5.97 -15.54
CA ASP A 131 -8.95 -4.50 -15.46
C ASP A 131 -9.50 -4.18 -14.09
N PRO A 132 -8.80 -3.40 -13.26
CA PRO A 132 -9.29 -3.11 -11.92
C PRO A 132 -10.62 -2.36 -11.92
N VAL A 133 -10.93 -1.70 -13.03
CA VAL A 133 -12.21 -0.99 -13.20
C VAL A 133 -13.30 -2.03 -13.28
N ALA A 134 -13.09 -3.11 -14.02
CA ALA A 134 -14.13 -4.14 -14.13
C ALA A 134 -14.33 -4.75 -12.75
N TRP A 135 -13.25 -5.04 -12.04
CA TRP A 135 -13.39 -5.67 -10.69
C TRP A 135 -14.12 -4.71 -9.76
N LEU A 136 -13.71 -3.45 -9.70
CA LEU A 136 -14.34 -2.50 -8.76
C LEU A 136 -15.79 -2.23 -9.14
N ASP A 137 -16.13 -2.10 -10.43
CA ASP A 137 -17.53 -1.93 -10.84
C ASP A 137 -18.36 -3.09 -10.27
N ALA A 138 -17.86 -4.31 -10.44
CA ALA A 138 -18.60 -5.50 -10.04
C ALA A 138 -18.74 -5.54 -8.51
N PHE A 139 -17.66 -5.18 -7.80
CA PHE A 139 -17.67 -5.16 -6.31
C PHE A 139 -18.70 -4.14 -5.83
N TYR A 140 -18.70 -2.95 -6.42
CA TYR A 140 -19.71 -1.93 -6.07
C TYR A 140 -21.13 -2.47 -6.35
N ALA A 141 -21.35 -3.12 -7.48
CA ALA A 141 -22.68 -3.63 -7.85
C ALA A 141 -23.10 -4.76 -6.90
N ALA A 142 -22.15 -5.61 -6.49
CA ALA A 142 -22.43 -6.76 -5.59
C ALA A 142 -22.80 -6.21 -4.22
N TYR A 143 -22.00 -5.29 -3.71
CA TYR A 143 -22.28 -4.71 -2.37
C TYR A 143 -23.63 -4.00 -2.42
N ALA A 144 -23.89 -3.13 -3.42
CA ALA A 144 -25.13 -2.33 -3.49
C ALA A 144 -26.33 -3.28 -3.57
N SER A 145 -26.23 -4.38 -4.31
CA SER A 145 -27.29 -5.41 -4.40
C SER A 145 -27.67 -5.94 -2.99
N ALA A 146 -26.66 -6.23 -2.19
CA ALA A 146 -26.88 -6.83 -0.85
C ALA A 146 -27.32 -5.79 0.20
N HIS A 147 -27.28 -4.48 -0.09
CA HIS A 147 -27.52 -3.43 0.93
C HIS A 147 -28.41 -2.31 0.39
N GLN A 148 -29.50 -2.69 -0.28
CA GLN A 148 -30.60 -1.76 -0.67
C GLN A 148 -30.01 -0.60 -1.49
N GLY A 149 -28.98 -0.86 -2.29
CA GLY A 149 -28.42 0.14 -3.23
C GLY A 149 -27.37 1.03 -2.59
N ARG A 150 -27.00 0.80 -1.32
CA ARG A 150 -25.92 1.58 -0.66
C ARG A 150 -24.54 1.16 -1.23
N ASP A 151 -23.67 2.10 -1.52
CA ASP A 151 -22.27 1.83 -1.94
C ASP A 151 -21.47 1.31 -0.75
N PRO A 152 -20.46 0.46 -0.98
CA PRO A 152 -19.55 0.02 0.09
C PRO A 152 -18.80 1.24 0.64
N GLN A 153 -18.51 1.22 1.95
CA GLN A 153 -17.69 2.30 2.53
C GLN A 153 -16.27 2.15 1.99
N ILE A 154 -15.81 3.15 1.27
CA ILE A 154 -14.41 3.20 0.77
C ILE A 154 -13.93 4.60 1.13
N ASP A 155 -13.03 4.68 2.09
CA ASP A 155 -12.46 5.99 2.49
C ASP A 155 -11.36 6.36 1.48
N TYR A 156 -10.52 5.40 1.12
CA TYR A 156 -9.45 5.57 0.10
C TYR A 156 -9.42 4.29 -0.67
N LEU A 157 -9.23 4.38 -1.98
CA LEU A 157 -8.82 3.19 -2.76
C LEU A 157 -7.32 2.99 -2.57
N ALA A 158 -6.82 1.80 -2.83
CA ALA A 158 -5.37 1.55 -2.79
C ALA A 158 -4.97 1.03 -4.17
N PHE A 159 -3.72 1.25 -4.53
CA PHE A 159 -3.23 0.87 -5.85
C PHE A 159 -1.78 0.44 -5.73
N HIS A 160 -1.41 -0.55 -6.54
CA HIS A 160 -0.04 -1.02 -6.74
C HIS A 160 0.32 -0.89 -8.22
N TRP A 161 1.56 -0.51 -8.52
CA TRP A 161 1.95 -0.34 -9.92
C TRP A 161 3.48 -0.46 -10.01
N TYR A 162 3.92 -1.29 -10.96
CA TYR A 162 5.34 -1.63 -11.20
C TYR A 162 5.82 -1.24 -12.62
N ASP A 163 5.21 -0.22 -13.23
CA ASP A 163 5.50 0.12 -14.65
C ASP A 163 5.35 1.62 -14.79
N TYR A 164 5.66 2.10 -15.99
CA TYR A 164 5.33 3.47 -16.38
C TYR A 164 3.80 3.64 -16.37
N GLY A 165 3.38 4.91 -16.39
CA GLY A 165 1.96 5.30 -16.50
C GLY A 165 1.21 5.28 -15.21
N LEU A 166 1.88 5.29 -14.06
CA LEU A 166 1.12 5.30 -12.80
C LEU A 166 0.12 6.49 -12.75
N SER A 167 0.50 7.71 -13.10
CA SER A 167 -0.44 8.86 -13.09
C SER A 167 -1.67 8.55 -13.98
N SER A 168 -1.50 7.83 -15.09
CA SER A 168 -2.60 7.54 -16.04
C SER A 168 -3.54 6.52 -15.37
N MET A 169 -3.00 5.60 -14.58
CA MET A 169 -3.82 4.60 -13.90
C MET A 169 -4.60 5.30 -12.76
N LEU A 170 -3.98 6.23 -12.02
CA LEU A 170 -4.72 7.01 -11.00
C LEU A 170 -5.80 7.85 -11.68
N ASP A 171 -5.50 8.47 -12.82
CA ASP A 171 -6.57 9.25 -13.53
C ASP A 171 -7.72 8.33 -13.88
N ARG A 172 -7.43 7.16 -14.44
N ARG A 172 -7.42 7.15 -14.45
CA ARG A 172 -8.50 6.22 -14.85
CA ARG A 172 -8.47 6.18 -14.86
C ARG A 172 -9.33 5.86 -13.60
C ARG A 172 -9.31 5.83 -13.63
N LEU A 173 -8.67 5.59 -12.47
CA LEU A 173 -9.38 5.12 -11.24
C LEU A 173 -10.05 6.27 -10.49
N SER A 174 -9.81 7.52 -10.89
N SER A 174 -9.82 7.51 -10.90
CA SER A 174 -10.46 8.67 -10.22
CA SER A 174 -10.45 8.68 -10.27
C SER A 174 -11.98 8.62 -10.47
C SER A 174 -11.97 8.69 -10.55
N ARG A 175 -12.42 7.84 -11.48
CA ARG A 175 -13.87 7.78 -11.82
C ARG A 175 -14.70 7.46 -10.56
N TYR A 176 -14.10 6.84 -9.51
CA TYR A 176 -14.85 6.45 -8.29
C TYR A 176 -14.98 7.65 -7.35
N GLY A 177 -14.25 8.73 -7.61
CA GLY A 177 -14.33 9.95 -6.76
C GLY A 177 -13.64 9.73 -5.41
N LYS A 178 -12.74 8.76 -5.33
CA LYS A 178 -12.01 8.41 -4.10
C LYS A 178 -10.53 8.77 -4.21
N PRO A 179 -9.95 9.30 -3.11
CA PRO A 179 -8.51 9.47 -3.03
C PRO A 179 -7.83 8.11 -2.79
N PHE A 180 -6.51 8.11 -2.92
CA PHE A 180 -5.69 6.88 -3.03
C PHE A 180 -4.62 6.84 -1.96
N TRP A 181 -4.25 5.62 -1.62
CA TRP A 181 -2.89 5.30 -1.13
C TRP A 181 -2.26 4.39 -2.19
N VAL A 182 -1.03 4.71 -2.63
CA VAL A 182 -0.36 3.84 -3.61
C VAL A 182 0.60 2.98 -2.79
N THR A 183 0.20 1.76 -2.43
CA THR A 183 0.83 1.06 -1.29
C THR A 183 1.93 0.11 -1.74
N GLU A 184 2.12 -0.02 -3.04
CA GLU A 184 3.32 -0.66 -3.64
C GLU A 184 3.59 0.05 -4.95
N PHE A 185 4.83 0.52 -5.11
CA PHE A 185 5.29 1.01 -6.43
C PHE A 185 6.80 0.93 -6.53
N ALA A 186 7.22 0.82 -7.77
CA ALA A 186 8.61 0.82 -8.26
C ALA A 186 8.47 0.73 -9.76
N ASN A 187 9.54 0.91 -10.54
CA ASN A 187 9.42 0.57 -11.96
C ASN A 187 10.22 -0.68 -12.31
N TRP A 188 9.51 -1.74 -12.68
CA TRP A 188 10.07 -3.06 -13.02
C TRP A 188 9.88 -3.35 -14.50
N HIS A 189 9.76 -2.32 -15.35
CA HIS A 189 9.70 -2.58 -16.81
C HIS A 189 10.89 -3.44 -17.24
N THR A 190 10.62 -4.50 -17.98
CA THR A 190 11.61 -5.54 -18.34
C THR A 190 11.74 -5.69 -19.86
N LEU A 191 10.66 -5.51 -20.60
CA LEU A 191 10.70 -5.76 -22.07
C LEU A 191 11.80 -4.92 -22.73
N ASP A 192 12.42 -5.51 -23.75
CA ASP A 192 13.57 -4.88 -24.44
C ASP A 192 13.07 -3.81 -25.43
N ASP A 193 12.65 -2.63 -24.96
CA ASP A 193 12.05 -1.60 -25.86
C ASP A 193 12.84 -0.22 -25.80
N GLY A 194 13.87 -0.22 -24.96
CA GLY A 194 14.54 1.02 -24.44
C GLY A 194 14.09 1.53 -23.08
N LEU A 195 12.94 1.08 -22.49
CA LEU A 195 12.35 1.58 -21.21
C LEU A 195 12.66 0.63 -20.03
N GLN A 196 13.32 -0.50 -20.30
CA GLN A 196 13.64 -1.49 -19.24
C GLN A 196 14.45 -0.80 -18.15
N ILE A 197 14.14 -1.13 -16.90
CA ILE A 197 14.84 -0.54 -15.72
C ILE A 197 15.90 -1.54 -15.31
N ASP A 198 17.08 -1.44 -15.94
CA ASP A 198 18.14 -2.48 -15.88
C ASP A 198 19.39 -1.83 -15.26
N SER A 199 19.23 -0.70 -14.58
CA SER A 199 20.34 -0.03 -13.87
C SER A 199 19.79 0.67 -12.62
N LEU A 200 20.68 0.92 -11.67
CA LEU A 200 20.34 1.77 -10.52
C LEU A 200 19.97 3.21 -10.96
N GLU A 201 20.73 3.85 -11.85
CA GLU A 201 20.36 5.23 -12.24
C GLU A 201 18.85 5.18 -12.71
N LYS A 202 18.46 4.15 -13.45
CA LYS A 202 17.16 4.17 -14.18
C LYS A 202 16.11 4.03 -13.09
N GLN A 203 16.38 3.24 -12.05
CA GLN A 203 15.39 3.11 -10.94
C GLN A 203 15.37 4.44 -10.18
N LYS A 204 16.55 5.08 -9.99
CA LYS A 204 16.58 6.40 -9.26
C LYS A 204 15.77 7.43 -10.05
N GLN A 205 15.98 7.45 -11.37
CA GLN A 205 15.25 8.39 -12.26
C GLN A 205 13.75 8.17 -12.09
N GLN A 206 13.32 6.92 -12.13
CA GLN A 206 11.87 6.62 -12.10
C GLN A 206 11.33 6.85 -10.67
N MET A 207 12.12 6.55 -9.63
CA MET A 207 11.72 6.88 -8.24
C MET A 207 11.50 8.37 -8.13
N ALA A 208 12.40 9.19 -8.63
CA ALA A 208 12.22 10.65 -8.49
C ALA A 208 10.93 11.08 -9.21
N GLU A 209 10.74 10.63 -10.45
CA GLU A 209 9.56 11.01 -11.25
C GLU A 209 8.27 10.59 -10.50
N MET A 210 8.21 9.35 -10.08
CA MET A 210 6.99 8.80 -9.44
C MET A 210 6.77 9.50 -8.10
N VAL A 211 7.81 9.66 -7.29
CA VAL A 211 7.64 10.30 -5.95
C VAL A 211 7.19 11.74 -6.16
N THR A 212 7.79 12.46 -7.11
CA THR A 212 7.40 13.88 -7.32
C THR A 212 5.93 13.93 -7.70
N MET A 213 5.53 13.04 -8.58
CA MET A 213 4.14 13.03 -9.07
C MET A 213 3.20 12.71 -7.89
N LEU A 214 3.55 11.75 -7.03
CA LEU A 214 2.67 11.31 -5.93
C LEU A 214 2.61 12.39 -4.85
N GLU A 215 3.73 13.07 -4.58
CA GLU A 215 3.78 14.18 -3.63
C GLU A 215 2.86 15.31 -4.14
N ARG A 216 2.85 15.57 -5.45
CA ARG A 216 2.12 16.72 -6.03
C ARG A 216 0.65 16.40 -6.19
N ARG A 217 0.21 15.14 -6.21
CA ARG A 217 -1.23 14.83 -6.33
C ARG A 217 -1.94 15.01 -4.99
N SER A 218 -2.94 15.91 -4.98
CA SER A 218 -3.78 16.19 -3.78
C SER A 218 -4.63 14.96 -3.49
N ASP A 219 -4.83 14.04 -4.46
CA ASP A 219 -5.71 12.84 -4.19
C ASP A 219 -4.89 11.63 -3.76
N VAL A 220 -3.60 11.83 -3.47
CA VAL A 220 -2.74 10.72 -2.96
C VAL A 220 -2.30 11.06 -1.54
N PHE A 221 -2.79 10.32 -0.55
CA PHE A 221 -2.51 10.61 0.88
C PHE A 221 -1.20 9.96 1.31
N ARG A 222 -0.88 8.77 0.82
CA ARG A 222 0.30 8.03 1.27
C ARG A 222 0.74 7.11 0.12
N TYR A 223 2.02 6.83 0.10
CA TYR A 223 2.58 5.84 -0.84
C TYR A 223 3.63 5.03 -0.10
N ALA A 224 3.93 3.88 -0.67
CA ALA A 224 4.93 3.00 -0.10
C ALA A 224 5.72 2.33 -1.20
N TRP A 225 7.02 2.54 -1.11
CA TRP A 225 7.97 1.94 -2.06
C TRP A 225 8.11 0.43 -1.80
N PHE A 226 8.20 -0.33 -2.89
CA PHE A 226 8.54 -1.77 -2.82
C PHE A 226 10.00 -1.92 -3.25
N THR A 227 10.93 -2.27 -2.34
CA THR A 227 10.73 -2.68 -0.94
C THR A 227 12.01 -2.47 -0.12
N GLY A 228 12.02 -2.95 1.13
CA GLY A 228 13.22 -2.80 1.98
C GLY A 228 14.40 -3.56 1.37
N ARG A 229 14.25 -4.86 1.22
CA ARG A 229 15.25 -5.74 0.61
C ARG A 229 14.59 -6.81 -0.20
N MET A 230 15.19 -7.16 -1.31
CA MET A 230 14.84 -8.38 -2.06
C MET A 230 16.11 -8.86 -2.76
N THR A 231 16.16 -10.14 -3.01
CA THR A 231 17.26 -10.81 -3.72
C THR A 231 16.63 -11.95 -4.52
N PRO A 232 16.96 -12.15 -5.82
CA PRO A 232 17.73 -11.19 -6.62
C PRO A 232 16.94 -9.89 -6.80
N ASP A 233 17.63 -8.83 -7.20
CA ASP A 233 17.07 -7.47 -7.25
C ASP A 233 17.39 -6.88 -8.65
N PRO A 234 16.86 -7.45 -9.74
CA PRO A 234 17.27 -7.07 -11.11
C PRO A 234 16.94 -5.62 -11.49
N HIS A 235 16.00 -4.98 -10.80
CA HIS A 235 15.63 -3.56 -11.06
C HIS A 235 16.27 -2.65 -10.02
N PHE A 236 17.06 -3.18 -9.10
CA PHE A 236 17.70 -2.33 -8.06
C PHE A 236 16.64 -1.64 -7.22
N SER A 237 15.64 -2.37 -6.74
CA SER A 237 14.45 -1.88 -5.99
C SER A 237 14.68 -1.81 -4.46
N SER A 238 15.76 -2.39 -3.94
CA SER A 238 16.02 -2.43 -2.47
C SER A 238 16.44 -1.07 -1.89
N LEU A 239 15.85 -0.67 -0.76
CA LEU A 239 16.22 0.53 -0.01
C LEU A 239 17.26 0.22 1.08
N LEU A 240 17.45 -1.04 1.43
CA LEU A 240 18.30 -1.48 2.57
C LEU A 240 19.25 -2.59 2.09
N ASP A 241 20.40 -2.70 2.74
CA ASP A 241 21.34 -3.82 2.41
C ASP A 241 21.66 -4.53 3.74
N ALA A 242 22.83 -4.28 4.33
CA ALA A 242 23.16 -4.83 5.67
C ALA A 242 22.08 -4.36 6.65
N GLU A 243 21.89 -5.08 7.75
CA GLU A 243 21.01 -4.59 8.84
C GLU A 243 21.40 -3.17 9.23
N GLY A 244 20.40 -2.29 9.22
CA GLY A 244 20.56 -0.87 9.59
C GLY A 244 21.33 -0.03 8.57
N ARG A 245 21.51 -0.51 7.34
CA ARG A 245 22.22 0.27 6.30
C ARG A 245 21.37 0.52 5.06
N LEU A 246 21.22 1.78 4.67
CA LEU A 246 20.58 2.16 3.37
C LEU A 246 21.46 1.75 2.19
N THR A 247 20.82 1.39 1.10
CA THR A 247 21.44 1.40 -0.23
C THR A 247 21.50 2.85 -0.75
N GLU A 248 22.22 3.04 -1.83
CA GLU A 248 22.15 4.33 -2.53
C GLU A 248 20.69 4.70 -2.80
N LEU A 249 19.90 3.76 -3.31
CA LEU A 249 18.48 4.03 -3.62
C LEU A 249 17.77 4.50 -2.35
N GLY A 250 18.04 3.82 -1.23
CA GLY A 250 17.35 4.13 0.03
C GLY A 250 17.68 5.53 0.49
N GLN A 251 18.98 5.89 0.49
CA GLN A 251 19.38 7.25 0.87
C GLN A 251 18.61 8.21 -0.07
N TYR A 252 18.57 7.91 -1.35
CA TYR A 252 17.98 8.82 -2.36
C TYR A 252 16.49 9.02 -2.04
N TYR A 253 15.78 7.92 -1.85
CA TYR A 253 14.34 7.95 -1.47
C TYR A 253 14.07 8.88 -0.30
N LEU A 254 14.87 8.76 0.76
CA LEU A 254 14.61 9.51 2.00
C LEU A 254 14.91 10.98 1.81
N SER A 255 15.74 11.33 0.84
CA SER A 255 16.22 12.72 0.57
C SER A 255 15.24 13.48 -0.32
N LEU A 256 14.38 12.78 -1.04
CA LEU A 256 13.54 13.46 -2.07
C LEU A 256 12.67 14.53 -1.42
N PRO A 257 12.45 15.65 -2.13
CA PRO A 257 11.55 16.69 -1.68
C PRO A 257 10.14 16.15 -1.51
N TYR A 258 9.30 16.90 -0.82
CA TYR A 258 7.88 16.51 -0.64
C TYR A 258 7.04 17.77 -0.62
N SER A 259 5.73 17.58 -0.57
CA SER A 259 4.80 18.74 -0.55
C SER A 259 4.74 19.33 0.87
#